data_3FYF
#
_entry.id   3FYF
#
_cell.length_a   92.959
_cell.length_b   62.249
_cell.length_c   67.051
_cell.angle_alpha   90.00
_cell.angle_beta   94.37
_cell.angle_gamma   90.00
#
_symmetry.space_group_name_H-M   'C 1 2 1'
#
loop_
_entity.id
_entity.type
_entity.pdbx_description
1 polymer 'PROTEIN BVU-3222'
2 water water
#
_entity_poly.entity_id   1
_entity_poly.type   'polypeptide(L)'
_entity_poly.pdbx_seq_one_letter_code
;MSLQTRKQREDAKREAWKKERQEKKALEAQQDSVSYVQAINALKNGSFVLEADNVVFRNGIMRFVSSNTNYVEVNDGQGI
IQTAFTNFVYNWSPNGLGGVTVQGNVNGISMRQDKDGNVYYNYGINGIAVSATVSIVLTGGTNQASVTINPNFSGNTLTM
NGYLVPYNEGHHHHHH
;
_entity_poly.pdbx_strand_id   A,B
#
# COMPACT_ATOMS: atom_id res chain seq x y z
N GLU A 15 -10.19 16.14 -26.76
CA GLU A 15 -9.71 16.38 -28.16
C GLU A 15 -8.48 17.29 -28.18
N ALA A 16 -8.47 18.30 -27.31
CA ALA A 16 -7.36 19.24 -27.21
C ALA A 16 -6.36 18.82 -26.13
N TRP A 17 -6.84 18.78 -24.89
CA TRP A 17 -6.02 18.38 -23.75
C TRP A 17 -6.02 16.86 -23.56
N LYS A 18 -7.17 16.24 -23.81
CA LYS A 18 -7.37 14.81 -23.53
C LYS A 18 -7.05 13.89 -24.72
N LYS A 19 -5.96 14.22 -25.43
CA LYS A 19 -5.41 13.38 -26.48
C LYS A 19 -3.88 13.28 -26.36
N GLU A 20 -3.28 14.33 -25.81
CA GLU A 20 -1.85 14.35 -25.50
C GLU A 20 -1.60 13.58 -24.21
N ARG A 21 -2.60 13.57 -23.32
CA ARG A 21 -2.53 12.87 -22.05
C ARG A 21 -2.69 11.36 -22.22
N GLN A 22 -3.36 10.97 -23.31
CA GLN A 22 -3.51 9.55 -23.69
C GLN A 22 -2.20 8.99 -24.26
N GLU A 23 -1.43 9.85 -24.91
CA GLU A 23 -0.14 9.48 -25.50
C GLU A 23 0.94 9.31 -24.43
N LYS A 24 0.87 10.13 -23.39
CA LYS A 24 1.82 10.06 -22.28
C LYS A 24 1.51 8.89 -21.34
N LYS A 25 0.28 8.41 -21.41
CA LYS A 25 -0.15 7.18 -20.74
C LYS A 25 0.49 5.96 -21.40
N ALA A 26 0.53 5.97 -22.73
CA ALA A 26 1.08 4.88 -23.53
C ALA A 26 2.61 4.79 -23.44
N LEU A 27 3.26 5.93 -23.21
CA LEU A 27 4.70 5.97 -22.98
C LEU A 27 5.06 5.40 -21.60
N GLU A 28 4.17 5.61 -20.64
CA GLU A 28 4.31 5.02 -19.31
C GLU A 28 4.01 3.52 -19.36
N ALA A 29 3.03 3.15 -20.19
CA ALA A 29 2.66 1.74 -20.40
C ALA A 29 3.73 0.94 -21.16
N GLN A 30 4.69 1.64 -21.77
CA GLN A 30 5.81 1.01 -22.44
C GLN A 30 6.99 0.87 -21.47
N GLN A 31 7.17 1.88 -20.61
CA GLN A 31 8.16 1.83 -19.52
C GLN A 31 7.83 0.76 -18.48
N ASP A 32 6.52 0.57 -18.24
CA ASP A 32 6.01 -0.45 -17.33
C ASP A 32 6.34 -1.86 -17.83
N SER A 33 6.18 -2.06 -19.13
CA SER A 33 6.47 -3.36 -19.77
C SER A 33 7.96 -3.70 -19.76
N VAL A 34 8.80 -2.68 -19.93
CA VAL A 34 10.26 -2.83 -19.83
C VAL A 34 10.68 -3.20 -18.42
N SER A 35 10.12 -2.49 -17.45
CA SER A 35 10.34 -2.76 -16.03
C SER A 35 9.89 -4.15 -15.58
N TYR A 36 8.85 -4.68 -16.23
CA TYR A 36 8.31 -6.02 -16.00
C TYR A 36 9.28 -7.16 -16.38
N VAL A 37 9.95 -6.99 -17.52
CA VAL A 37 10.95 -7.95 -18.01
C VAL A 37 12.16 -7.94 -17.08
N GLN A 38 12.56 -6.74 -16.65
CA GLN A 38 13.63 -6.54 -15.68
C GLN A 38 13.31 -7.16 -14.32
N ALA A 39 12.04 -7.04 -13.90
CA ALA A 39 11.55 -7.68 -12.67
C ALA A 39 11.60 -9.20 -12.76
N ILE A 40 11.10 -9.75 -13.87
CA ILE A 40 11.03 -11.19 -14.13
C ILE A 40 12.41 -11.86 -14.17
N ASN A 41 13.37 -11.19 -14.79
CA ASN A 41 14.76 -11.64 -14.84
C ASN A 41 15.43 -11.58 -13.47
N ALA A 42 15.11 -10.54 -12.70
CA ALA A 42 15.64 -10.34 -11.35
C ALA A 42 15.16 -11.40 -10.37
N LEU A 43 13.88 -11.78 -10.47
CA LEU A 43 13.33 -12.87 -9.66
C LEU A 43 13.93 -14.23 -10.05
N LYS A 44 14.05 -14.46 -11.36
CA LYS A 44 14.66 -15.69 -11.91
C LYS A 44 16.12 -15.86 -11.49
N ASN A 45 16.89 -14.78 -11.51
CA ASN A 45 18.30 -14.80 -11.11
C ASN A 45 18.55 -14.84 -9.60
N GLY A 46 17.48 -14.66 -8.82
CA GLY A 46 17.57 -14.61 -7.36
C GLY A 46 18.31 -13.37 -6.89
N SER A 47 18.15 -12.28 -7.63
CA SER A 47 18.83 -11.03 -7.34
C SER A 47 17.88 -9.85 -7.57
N PHE A 48 17.20 -9.42 -6.50
CA PHE A 48 16.16 -8.41 -6.61
C PHE A 48 15.95 -7.67 -5.31
N VAL A 49 15.20 -6.56 -5.38
CA VAL A 49 14.80 -5.81 -4.20
C VAL A 49 13.39 -5.23 -4.42
N LEU A 50 12.54 -5.35 -3.41
CA LEU A 50 11.27 -4.62 -3.43
C LEU A 50 11.30 -3.53 -2.40
N GLU A 51 11.23 -2.31 -2.90
CA GLU A 51 11.21 -1.11 -2.08
C GLU A 51 9.75 -0.77 -1.74
N ALA A 52 9.39 -0.91 -0.47
CA ALA A 52 8.03 -0.67 -0.01
C ALA A 52 7.61 0.80 -0.07
N ASP A 53 6.49 1.05 -0.75
CA ASP A 53 5.82 2.33 -0.68
C ASP A 53 4.88 2.36 0.52
N ASN A 54 4.17 1.26 0.74
CA ASN A 54 3.31 1.15 1.91
C ASN A 54 3.34 -0.24 2.53
N VAL A 55 2.96 -0.29 3.81
CA VAL A 55 2.96 -1.51 4.59
CA VAL A 55 2.92 -1.55 4.53
C VAL A 55 1.55 -1.75 5.13
N VAL A 56 1.05 -2.99 5.03
CA VAL A 56 -0.26 -3.37 5.57
C VAL A 56 -0.05 -4.40 6.66
N PHE A 57 -0.58 -4.11 7.85
CA PHE A 57 -0.39 -4.96 9.01
C PHE A 57 -1.55 -5.94 9.21
N ARG A 58 -1.38 -6.84 10.18
CA ARG A 58 -2.34 -7.91 10.48
C ARG A 58 -3.70 -7.37 10.88
N ASN A 59 -3.69 -6.33 11.72
CA ASN A 59 -4.92 -5.67 12.16
C ASN A 59 -5.51 -4.65 11.17
N GLY A 60 -5.08 -4.71 9.91
CA GLY A 60 -5.67 -3.91 8.86
C GLY A 60 -5.12 -2.50 8.68
N ILE A 61 -4.18 -2.12 9.54
CA ILE A 61 -3.52 -0.82 9.45
C ILE A 61 -2.63 -0.78 8.23
N MET A 62 -2.79 0.24 7.39
CA MET A 62 -1.77 0.53 6.39
C MET A 62 -1.11 1.88 6.63
N ARG A 63 0.19 1.90 6.37
CA ARG A 63 0.99 3.09 6.54
C ARG A 63 1.87 3.29 5.33
N PHE A 64 1.85 4.48 4.74
CA PHE A 64 2.80 4.83 3.68
C PHE A 64 4.17 5.08 4.31
N VAL A 65 5.22 4.53 3.71
CA VAL A 65 6.55 4.53 4.35
C VAL A 65 7.65 4.93 3.38
N SER A 66 8.86 5.09 3.90
CA SER A 66 10.02 5.29 3.03
C SER A 66 10.59 3.96 2.57
N SER A 67 10.95 3.89 1.29
CA SER A 67 11.44 2.68 0.66
C SER A 67 12.86 2.25 1.06
N ASN A 68 13.55 3.09 1.84
CA ASN A 68 14.89 2.77 2.33
C ASN A 68 14.92 2.16 3.74
N THR A 69 13.82 2.26 4.48
CA THR A 69 13.72 1.63 5.81
C THR A 69 12.70 0.47 5.86
N ASN A 70 12.05 0.21 4.72
CA ASN A 70 11.12 -0.91 4.58
C ASN A 70 11.32 -1.57 3.23
N TYR A 71 11.87 -2.78 3.23
CA TYR A 71 12.21 -3.45 1.98
C TYR A 71 12.44 -4.96 2.11
N VAL A 72 12.45 -5.65 0.98
CA VAL A 72 12.96 -7.02 0.92
C VAL A 72 13.99 -7.12 -0.20
N GLU A 73 15.11 -7.76 0.07
CA GLU A 73 16.07 -8.07 -0.99
C GLU A 73 16.54 -9.51 -0.91
N VAL A 74 16.82 -10.08 -2.08
CA VAL A 74 17.45 -11.38 -2.19
C VAL A 74 18.61 -11.22 -3.15
N ASN A 75 19.79 -11.66 -2.74
CA ASN A 75 20.96 -11.72 -3.61
C ASN A 75 21.88 -12.87 -3.22
N ASP A 76 22.30 -13.63 -4.23
CA ASP A 76 23.32 -14.69 -4.11
C ASP A 76 23.00 -15.72 -3.03
N GLY A 77 21.74 -16.17 -3.01
CA GLY A 77 21.29 -17.18 -2.05
C GLY A 77 21.07 -16.66 -0.63
N GLN A 78 21.16 -15.36 -0.45
CA GLN A 78 20.86 -14.74 0.85
C GLN A 78 19.78 -13.68 0.72
N GLY A 79 19.03 -13.46 1.81
CA GLY A 79 17.96 -12.49 1.80
C GLY A 79 17.82 -11.67 3.06
N ILE A 80 17.25 -10.49 2.93
CA ILE A 80 16.89 -9.70 4.10
C ILE A 80 15.48 -9.12 4.01
N ILE A 81 14.78 -9.15 5.15
CA ILE A 81 13.56 -8.42 5.35
C ILE A 81 13.88 -7.33 6.36
N GLN A 82 13.74 -6.08 5.94
CA GLN A 82 13.94 -4.94 6.81
C GLN A 82 12.65 -4.12 6.92
N THR A 83 12.25 -3.85 8.16
CA THR A 83 11.08 -3.03 8.42
C THR A 83 11.29 -2.17 9.67
N ALA A 84 10.67 -1.00 9.67
CA ALA A 84 10.84 -0.02 10.76
C ALA A 84 9.95 -0.30 11.97
N PHE A 85 9.22 -1.41 11.94
CA PHE A 85 8.20 -1.71 12.93
C PHE A 85 8.58 -2.96 13.71
N THR A 86 8.72 -2.78 15.03
CA THR A 86 9.11 -3.84 15.96
C THR A 86 8.00 -4.91 16.05
N ASN A 87 8.41 -6.18 16.04
CA ASN A 87 7.52 -7.35 16.07
C ASN A 87 6.47 -7.42 14.95
N PHE A 88 6.74 -6.69 13.87
CA PHE A 88 5.87 -6.61 12.67
C PHE A 88 4.47 -6.04 12.97
N VAL A 89 4.39 -5.21 14.00
CA VAL A 89 3.15 -4.55 14.42
C VAL A 89 3.42 -3.05 14.36
N TYR A 90 2.42 -2.29 13.91
CA TYR A 90 2.55 -0.84 13.73
C TYR A 90 2.81 -0.10 15.05
N ASN A 91 2.06 -0.46 16.09
CA ASN A 91 2.15 0.20 17.38
C ASN A 91 3.02 -0.58 18.37
N GLY A 99 12.68 -1.81 15.20
CA GLY A 99 12.72 -2.18 13.79
C GLY A 99 13.42 -3.51 13.55
N VAL A 100 12.66 -4.49 13.06
CA VAL A 100 13.14 -5.87 12.87
C VAL A 100 14.01 -6.00 11.62
N THR A 101 15.07 -6.80 11.76
CA THR A 101 15.89 -7.24 10.65
C THR A 101 15.83 -8.77 10.63
N VAL A 102 15.40 -9.33 9.50
CA VAL A 102 15.41 -10.78 9.31
C VAL A 102 16.34 -11.11 8.16
N GLN A 103 17.50 -11.68 8.49
CA GLN A 103 18.50 -12.01 7.49
CA GLN A 103 18.51 -12.01 7.50
C GLN A 103 18.86 -13.49 7.55
N GLY A 104 19.17 -14.07 6.39
CA GLY A 104 19.47 -15.49 6.35
C GLY A 104 19.59 -16.07 4.97
N ASN A 105 19.64 -17.39 4.91
CA ASN A 105 19.77 -18.10 3.64
C ASN A 105 18.42 -18.38 2.98
N VAL A 106 18.38 -18.25 1.66
CA VAL A 106 17.15 -18.37 0.88
C VAL A 106 16.97 -19.81 0.38
N ASN A 107 15.85 -20.44 0.77
CA ASN A 107 15.53 -21.82 0.37
C ASN A 107 14.08 -22.02 -0.09
N GLY A 108 13.82 -23.14 -0.76
CA GLY A 108 12.46 -23.54 -1.15
C GLY A 108 11.80 -22.53 -2.05
N ILE A 109 12.49 -22.17 -3.13
CA ILE A 109 12.01 -21.18 -4.06
C ILE A 109 10.98 -21.79 -5.01
N SER A 110 9.83 -21.13 -5.13
CA SER A 110 8.84 -21.46 -6.15
C SER A 110 8.55 -20.22 -6.96
N MET A 111 8.57 -20.34 -8.28
CA MET A 111 8.23 -19.23 -9.16
C MET A 111 7.26 -19.72 -10.22
N ARG A 112 6.06 -19.16 -10.21
CA ARG A 112 4.98 -19.56 -11.12
C ARG A 112 4.38 -18.33 -11.80
N GLN A 113 3.77 -18.55 -12.95
CA GLN A 113 3.14 -17.48 -13.71
C GLN A 113 1.69 -17.88 -14.03
N ASP A 114 0.77 -16.93 -13.95
CA ASP A 114 -0.60 -17.21 -14.40
C ASP A 114 -0.79 -16.87 -15.88
N LYS A 115 -2.01 -17.08 -16.40
CA LYS A 115 -2.31 -16.87 -17.82
C LYS A 115 -2.27 -15.39 -18.24
N ASP A 116 -2.42 -14.51 -17.25
CA ASP A 116 -2.39 -13.06 -17.47
C ASP A 116 -0.99 -12.50 -17.29
N GLY A 117 -0.05 -13.39 -16.92
CA GLY A 117 1.34 -13.01 -16.77
C GLY A 117 1.72 -12.47 -15.41
N ASN A 118 0.85 -12.64 -14.41
CA ASN A 118 1.20 -12.25 -13.05
C ASN A 118 2.12 -13.30 -12.47
N VAL A 119 3.15 -12.88 -11.75
CA VAL A 119 4.17 -13.81 -11.23
C VAL A 119 4.04 -14.03 -9.72
N TYR A 120 4.09 -15.29 -9.33
CA TYR A 120 3.93 -15.72 -7.95
C TYR A 120 5.24 -16.35 -7.51
N TYR A 121 5.98 -15.62 -6.68
CA TYR A 121 7.35 -15.99 -6.25
C TYR A 121 7.41 -16.21 -4.73
N ASN A 122 7.63 -17.45 -4.32
CA ASN A 122 7.64 -17.80 -2.89
C ASN A 122 9.00 -18.37 -2.48
N TYR A 123 9.42 -18.08 -1.26
CA TYR A 123 10.68 -18.60 -0.72
C TYR A 123 10.67 -18.50 0.80
N GLY A 124 11.63 -19.18 1.43
CA GLY A 124 11.84 -19.08 2.87
C GLY A 124 13.20 -18.44 3.19
N ILE A 125 13.31 -17.90 4.40
CA ILE A 125 14.57 -17.34 4.86
C ILE A 125 14.91 -18.01 6.17
N ASN A 126 16.05 -18.70 6.21
CA ASN A 126 16.51 -19.31 7.44
C ASN A 126 17.78 -18.62 7.95
N GLY A 127 17.66 -17.98 9.11
CA GLY A 127 18.78 -17.28 9.71
C GLY A 127 19.15 -17.81 11.08
N ILE A 128 19.86 -16.98 11.84
CA ILE A 128 20.28 -17.34 13.18
C ILE A 128 19.11 -17.15 14.15
N ALA A 129 18.58 -18.28 14.61
CA ALA A 129 17.41 -18.37 15.51
C ALA A 129 16.17 -17.58 15.03
N VAL A 130 16.05 -17.44 13.71
CA VAL A 130 15.00 -16.64 13.08
C VAL A 130 14.71 -17.17 11.66
N SER A 131 13.44 -17.20 11.29
CA SER A 131 13.04 -17.65 9.98
C SER A 131 11.81 -16.90 9.48
N ALA A 132 11.62 -16.90 8.16
CA ALA A 132 10.48 -16.26 7.55
C ALA A 132 10.14 -16.93 6.23
N THR A 133 8.85 -17.03 5.93
CA THR A 133 8.42 -17.42 4.57
C THR A 133 7.90 -16.15 3.92
N VAL A 134 8.04 -16.06 2.60
CA VAL A 134 7.78 -14.83 1.88
C VAL A 134 7.00 -15.14 0.60
N SER A 135 5.92 -14.40 0.33
CA SER A 135 5.16 -14.56 -0.91
CA SER A 135 5.17 -14.56 -0.92
C SER A 135 5.07 -13.25 -1.68
N ILE A 136 5.50 -13.29 -2.94
CA ILE A 136 5.55 -12.11 -3.79
C ILE A 136 4.58 -12.32 -4.94
N VAL A 137 3.72 -11.34 -5.16
CA VAL A 137 2.90 -11.35 -6.33
C VAL A 137 3.32 -10.13 -7.14
N LEU A 138 3.80 -10.38 -8.35
CA LEU A 138 4.19 -9.32 -9.28
C LEU A 138 3.08 -9.14 -10.29
N THR A 139 2.63 -7.90 -10.45
CA THR A 139 1.54 -7.57 -11.37
C THR A 139 2.06 -7.53 -12.82
N GLY A 140 1.51 -8.44 -13.63
CA GLY A 140 1.91 -8.61 -15.03
C GLY A 140 1.83 -7.34 -15.85
N GLY A 141 2.85 -7.12 -16.67
CA GLY A 141 2.97 -5.92 -17.48
C GLY A 141 3.52 -4.73 -16.73
N THR A 142 3.85 -4.92 -15.45
CA THR A 142 4.37 -3.85 -14.59
C THR A 142 5.53 -4.34 -13.70
N ASN A 143 6.05 -3.43 -12.90
CA ASN A 143 7.02 -3.83 -11.87
CA ASN A 143 7.07 -3.60 -11.87
C ASN A 143 6.44 -3.62 -10.48
N GLN A 144 5.11 -3.56 -10.43
CA GLN A 144 4.37 -3.39 -9.18
C GLN A 144 4.18 -4.73 -8.53
N ALA A 145 4.55 -4.81 -7.26
CA ALA A 145 4.53 -6.09 -6.57
C ALA A 145 4.16 -5.96 -5.12
N SER A 146 3.63 -7.06 -4.59
CA SER A 146 3.13 -7.15 -3.22
C SER A 146 3.86 -8.30 -2.56
N VAL A 147 4.47 -8.01 -1.42
CA VAL A 147 5.28 -9.00 -0.72
C VAL A 147 4.65 -9.27 0.64
N THR A 148 4.34 -10.53 0.91
CA THR A 148 3.69 -10.89 2.17
C THR A 148 4.64 -11.75 3.00
N ILE A 149 4.85 -11.35 4.25
CA ILE A 149 5.88 -11.93 5.11
C ILE A 149 5.26 -12.67 6.29
N ASN A 150 5.64 -13.92 6.46
CA ASN A 150 5.24 -14.69 7.63
C ASN A 150 6.47 -15.02 8.50
N PRO A 151 6.67 -14.25 9.59
CA PRO A 151 7.84 -14.44 10.43
C PRO A 151 7.66 -15.51 11.48
N ASN A 152 8.61 -16.46 11.55
CA ASN A 152 8.65 -17.49 12.60
C ASN A 152 7.34 -18.27 12.81
N PHE A 153 6.70 -18.63 11.68
CA PHE A 153 5.46 -19.43 11.65
C PHE A 153 4.28 -18.83 12.43
N SER A 154 4.29 -17.51 12.63
CA SER A 154 3.35 -16.87 13.55
C SER A 154 2.02 -16.44 12.92
N GLY A 155 1.99 -16.24 11.61
CA GLY A 155 0.84 -15.61 10.94
C GLY A 155 0.63 -14.14 11.33
N ASN A 156 1.63 -13.56 11.99
CA ASN A 156 1.66 -12.12 12.29
C ASN A 156 2.19 -11.39 11.06
N THR A 157 1.36 -11.46 10.03
CA THR A 157 1.67 -11.14 8.68
C THR A 157 1.90 -9.63 8.49
N LEU A 158 2.74 -9.31 7.52
CA LEU A 158 3.02 -7.95 7.12
C LEU A 158 3.08 -8.00 5.60
N THR A 159 2.40 -7.09 4.93
CA THR A 159 2.49 -6.99 3.49
C THR A 159 3.13 -5.66 3.09
N MET A 160 4.07 -5.72 2.15
CA MET A 160 4.73 -4.54 1.61
C MET A 160 4.31 -4.37 0.16
N ASN A 161 3.86 -3.17 -0.19
CA ASN A 161 3.48 -2.87 -1.57
C ASN A 161 4.40 -1.82 -2.15
N GLY A 162 4.95 -2.09 -3.32
CA GLY A 162 5.88 -1.17 -3.94
C GLY A 162 6.40 -1.69 -5.27
N TYR A 163 7.67 -1.39 -5.53
CA TYR A 163 8.28 -1.67 -6.84
C TYR A 163 9.42 -2.65 -6.74
N LEU A 164 9.45 -3.61 -7.66
CA LEU A 164 10.42 -4.68 -7.63
C LEU A 164 11.48 -4.45 -8.71
N VAL A 165 12.72 -4.21 -8.28
CA VAL A 165 13.81 -3.86 -9.19
C VAL A 165 14.97 -4.85 -9.07
N PRO A 166 15.87 -4.91 -10.10
CA PRO A 166 17.11 -5.66 -9.92
C PRO A 166 17.90 -5.18 -8.71
N TYR A 167 18.59 -6.11 -8.04
CA TYR A 167 19.30 -5.84 -6.79
C TYR A 167 20.34 -4.71 -6.87
N ASN A 168 21.02 -4.57 -8.00
CA ASN A 168 21.97 -3.46 -8.19
C ASN A 168 21.33 -2.10 -8.50
N GLU A 169 20.09 -2.12 -8.98
CA GLU A 169 19.32 -0.91 -9.26
C GLU A 169 18.71 -0.29 -7.99
N GLY A 170 18.57 -1.09 -6.95
CA GLY A 170 18.04 -0.62 -5.67
C GLY A 170 18.74 -1.25 -4.48
N SER B 2 41.31 29.19 6.10
CA SER B 2 42.14 28.09 6.65
C SER B 2 41.47 26.75 6.43
N LEU B 3 42.25 25.68 6.61
CA LEU B 3 41.73 24.32 6.66
C LEU B 3 40.76 24.14 7.83
N GLN B 4 41.07 24.82 8.94
CA GLN B 4 40.27 24.80 10.17
C GLN B 4 38.88 25.40 9.99
N THR B 5 38.80 26.53 9.29
CA THR B 5 37.53 27.20 9.03
C THR B 5 36.73 26.47 7.94
N ARG B 6 37.45 25.82 7.02
CA ARG B 6 36.83 25.00 5.98
C ARG B 6 36.12 23.77 6.57
N LYS B 7 36.71 23.17 7.60
CA LYS B 7 36.08 22.02 8.28
C LYS B 7 35.04 22.41 9.35
N GLN B 8 35.16 23.61 9.90
CA GLN B 8 34.16 24.15 10.84
C GLN B 8 32.87 24.56 10.15
N ARG B 9 32.98 24.81 8.84
CA ARG B 9 31.83 25.14 8.00
C ARG B 9 31.34 23.92 7.20
N GLU B 10 31.64 22.74 7.74
CA GLU B 10 31.03 21.49 7.30
C GLU B 10 30.39 20.80 8.50
N ASP B 11 31.04 20.95 9.66
CA ASP B 11 30.56 20.35 10.90
C ASP B 11 29.36 21.11 11.49
N ALA B 12 29.26 22.40 11.14
CA ALA B 12 28.08 23.20 11.47
C ALA B 12 26.99 23.01 10.42
N LYS B 13 27.39 22.58 9.23
CA LYS B 13 26.45 22.21 8.16
C LYS B 13 25.80 20.85 8.41
N ARG B 14 26.54 19.97 9.11
CA ARG B 14 26.00 18.69 9.59
C ARG B 14 24.95 18.91 10.68
N GLU B 15 25.12 19.97 11.46
CA GLU B 15 24.19 20.34 12.51
C GLU B 15 23.04 21.22 11.99
N ALA B 16 23.01 21.43 10.67
CA ALA B 16 21.96 22.22 10.03
C ALA B 16 21.15 21.40 9.02
N TRP B 17 21.83 20.53 8.27
CA TRP B 17 21.19 19.65 7.29
C TRP B 17 20.39 18.54 7.99
N LYS B 18 20.90 18.10 9.14
CA LYS B 18 20.24 17.06 9.94
C LYS B 18 19.38 17.65 11.06
N LYS B 19 18.97 18.91 10.90
CA LYS B 19 18.17 19.62 11.89
C LYS B 19 17.04 20.42 11.25
N GLU B 20 17.38 21.24 10.27
CA GLU B 20 16.39 22.08 9.57
C GLU B 20 15.73 21.34 8.40
N ARG B 21 16.55 20.62 7.62
CA ARG B 21 16.02 19.86 6.48
C ARG B 21 15.53 18.47 6.89
N GLN B 22 15.71 18.15 8.18
CA GLN B 22 15.10 16.97 8.78
C GLN B 22 14.10 17.37 9.88
N GLU B 23 13.60 18.61 9.78
CA GLU B 23 12.51 19.09 10.62
C GLU B 23 11.19 18.87 9.90
N LYS B 24 11.27 18.35 8.66
CA LYS B 24 10.09 17.90 7.91
C LYS B 24 9.66 16.47 8.30
N LYS B 25 9.90 16.13 9.57
CA LYS B 25 9.48 14.86 10.15
C LYS B 25 8.61 15.14 11.37
N ALA B 26 8.95 16.21 12.10
CA ALA B 26 8.16 16.68 13.24
C ALA B 26 7.04 17.61 12.78
N LEU B 27 7.30 18.38 11.74
CA LEU B 27 6.29 19.25 11.12
C LEU B 27 5.30 18.45 10.29
N GLU B 28 5.81 17.42 9.61
CA GLU B 28 4.99 16.49 8.83
C GLU B 28 4.08 15.65 9.74
N ALA B 29 4.53 15.42 10.97
CA ALA B 29 3.74 14.76 12.02
C ALA B 29 2.55 15.62 12.47
N GLN B 30 2.77 16.94 12.55
CA GLN B 30 1.72 17.89 12.88
C GLN B 30 0.73 18.06 11.73
N GLN B 31 1.26 18.02 10.51
CA GLN B 31 0.46 18.00 9.28
C GLN B 31 -0.42 16.75 9.22
N ASP B 32 0.17 15.61 9.56
CA ASP B 32 -0.54 14.34 9.60
C ASP B 32 -1.57 14.34 10.71
N SER B 33 -1.25 15.03 11.81
CA SER B 33 -2.21 15.26 12.89
C SER B 33 -3.41 16.11 12.46
N VAL B 34 -3.15 17.13 11.65
CA VAL B 34 -4.22 17.98 11.09
C VAL B 34 -5.17 17.16 10.20
N SER B 35 -4.58 16.37 9.31
CA SER B 35 -5.32 15.49 8.41
C SER B 35 -6.10 14.41 9.16
N TYR B 36 -5.54 13.96 10.28
CA TYR B 36 -6.18 12.98 11.16
C TYR B 36 -7.51 13.49 11.73
N VAL B 37 -7.46 14.65 12.39
CA VAL B 37 -8.63 15.29 12.99
C VAL B 37 -9.72 15.58 11.95
N GLN B 38 -9.30 16.06 10.78
CA GLN B 38 -10.18 16.23 9.62
C GLN B 38 -10.83 14.91 9.15
N ALA B 39 -10.09 13.81 9.22
CA ALA B 39 -10.60 12.49 8.85
C ALA B 39 -11.59 11.96 9.90
N ILE B 40 -11.24 12.13 11.18
CA ILE B 40 -12.12 11.79 12.32
C ILE B 40 -13.46 12.50 12.21
N ASN B 41 -13.40 13.83 12.04
CA ASN B 41 -14.59 14.67 11.87
C ASN B 41 -15.39 14.38 10.61
N ALA B 42 -14.71 13.97 9.55
CA ALA B 42 -15.38 13.55 8.32
C ALA B 42 -16.14 12.25 8.54
N LEU B 43 -15.57 11.34 9.33
CA LEU B 43 -16.20 10.06 9.63
C LEU B 43 -17.40 10.23 10.57
N LYS B 44 -17.23 11.09 11.57
CA LYS B 44 -18.28 11.41 12.54
C LYS B 44 -19.50 12.02 11.87
N ASN B 45 -19.25 12.96 10.96
CA ASN B 45 -20.33 13.65 10.25
C ASN B 45 -20.87 12.90 9.03
N GLY B 46 -20.28 11.75 8.74
CA GLY B 46 -20.72 10.87 7.64
C GLY B 46 -20.56 11.50 6.27
N SER B 47 -19.54 12.35 6.13
CA SER B 47 -19.29 13.08 4.90
C SER B 47 -17.80 12.96 4.56
N PHE B 48 -17.45 11.91 3.82
CA PHE B 48 -16.05 11.59 3.54
C PHE B 48 -15.84 10.83 2.25
N VAL B 49 -14.58 10.81 1.81
CA VAL B 49 -14.17 10.01 0.67
C VAL B 49 -12.78 9.43 0.96
N LEU B 50 -12.59 8.16 0.62
CA LEU B 50 -11.25 7.60 0.59
C LEU B 50 -10.74 7.63 -0.84
N GLU B 51 -9.69 8.41 -1.05
CA GLU B 51 -9.06 8.56 -2.35
C GLU B 51 -7.97 7.49 -2.49
N ALA B 52 -8.25 6.47 -3.31
CA ALA B 52 -7.37 5.31 -3.41
C ALA B 52 -6.06 5.60 -4.14
N ASP B 53 -4.97 5.25 -3.46
CA ASP B 53 -3.64 5.27 -4.04
C ASP B 53 -3.32 3.92 -4.68
N ASN B 54 -3.67 2.83 -3.99
CA ASN B 54 -3.52 1.50 -4.57
C ASN B 54 -4.67 0.57 -4.22
N VAL B 55 -4.79 -0.53 -4.95
CA VAL B 55 -5.85 -1.50 -4.77
C VAL B 55 -5.21 -2.87 -4.70
N VAL B 56 -5.65 -3.67 -3.73
CA VAL B 56 -5.18 -5.06 -3.54
C VAL B 56 -6.36 -6.03 -3.71
N PHE B 57 -6.16 -7.03 -4.58
CA PHE B 57 -7.20 -8.00 -4.91
C PHE B 57 -6.99 -9.27 -4.09
N ARG B 58 -7.99 -10.15 -4.10
CA ARG B 58 -7.93 -11.38 -3.28
C ARG B 58 -6.92 -12.40 -3.81
N ASN B 59 -6.52 -12.25 -5.06
CA ASN B 59 -5.43 -13.05 -5.61
C ASN B 59 -4.03 -12.47 -5.34
N GLY B 60 -3.95 -11.49 -4.45
CA GLY B 60 -2.68 -10.91 -4.01
C GLY B 60 -2.10 -9.82 -4.91
N ILE B 61 -2.75 -9.57 -6.05
CA ILE B 61 -2.29 -8.52 -6.97
C ILE B 61 -2.53 -7.17 -6.36
N MET B 62 -1.51 -6.31 -6.42
CA MET B 62 -1.68 -4.90 -6.10
C MET B 62 -1.30 -4.01 -7.29
N ARG B 63 -2.09 -2.97 -7.50
CA ARG B 63 -1.83 -2.00 -8.55
C ARG B 63 -1.95 -0.60 -7.99
N PHE B 64 -0.98 0.25 -8.30
CA PHE B 64 -1.08 1.69 -8.00
C PHE B 64 -2.05 2.32 -8.97
N VAL B 65 -2.77 3.34 -8.49
CA VAL B 65 -4.02 3.71 -9.11
C VAL B 65 -4.31 5.21 -8.98
N SER B 66 -5.14 5.74 -9.87
CA SER B 66 -5.62 7.11 -9.75
C SER B 66 -6.88 7.16 -8.87
N SER B 67 -6.93 8.14 -7.98
CA SER B 67 -8.04 8.30 -7.04
C SER B 67 -9.31 8.93 -7.63
N ASN B 68 -9.20 9.42 -8.88
CA ASN B 68 -10.34 9.93 -9.62
C ASN B 68 -11.33 8.83 -10.03
N THR B 69 -10.79 7.64 -10.28
CA THR B 69 -11.60 6.51 -10.77
C THR B 69 -11.66 5.34 -9.79
N ASN B 70 -11.00 5.47 -8.64
CA ASN B 70 -11.08 4.48 -7.57
C ASN B 70 -11.26 5.19 -6.22
N TYR B 71 -12.47 5.15 -5.70
CA TYR B 71 -12.78 5.81 -4.44
C TYR B 71 -13.90 5.12 -3.68
N VAL B 72 -14.04 5.50 -2.41
CA VAL B 72 -15.12 5.05 -1.56
C VAL B 72 -15.68 6.32 -0.90
N GLU B 73 -16.97 6.57 -1.08
CA GLU B 73 -17.57 7.82 -0.63
C GLU B 73 -18.83 7.60 0.20
N VAL B 74 -18.97 8.33 1.31
CA VAL B 74 -20.23 8.38 2.05
C VAL B 74 -20.59 9.85 2.27
N ASN B 75 -21.78 10.25 1.83
CA ASN B 75 -22.27 11.62 1.97
C ASN B 75 -23.80 11.66 2.05
N ASP B 76 -24.31 12.32 3.09
CA ASP B 76 -25.75 12.58 3.31
C ASP B 76 -26.61 11.30 3.39
N GLY B 77 -26.08 10.28 4.07
CA GLY B 77 -26.77 8.99 4.20
C GLY B 77 -26.63 8.09 2.98
N GLN B 78 -25.94 8.57 1.96
CA GLN B 78 -25.76 7.85 0.70
C GLN B 78 -24.28 7.53 0.49
N GLY B 79 -24.01 6.37 -0.11
CA GLY B 79 -22.64 5.90 -0.28
C GLY B 79 -22.28 5.31 -1.63
N ILE B 80 -21.09 5.65 -2.12
CA ILE B 80 -20.56 5.17 -3.40
C ILE B 80 -19.32 4.30 -3.23
N ILE B 81 -19.31 3.14 -3.87
CA ILE B 81 -18.08 2.39 -4.12
C ILE B 81 -17.81 2.40 -5.62
N GLN B 82 -16.73 3.08 -6.01
CA GLN B 82 -16.32 3.12 -7.41
C GLN B 82 -14.94 2.50 -7.61
N THR B 83 -14.85 1.56 -8.53
CA THR B 83 -13.57 1.00 -8.95
C THR B 83 -13.54 0.74 -10.46
N ALA B 84 -12.34 0.68 -11.03
CA ALA B 84 -12.15 0.48 -12.46
C ALA B 84 -12.09 -0.99 -12.88
N PHE B 85 -12.26 -1.88 -11.92
CA PHE B 85 -12.30 -3.32 -12.20
C PHE B 85 -13.72 -3.87 -12.08
N THR B 86 -13.92 -5.07 -12.59
CA THR B 86 -15.22 -5.47 -13.13
C THR B 86 -16.04 -6.20 -12.08
N ASN B 87 -15.61 -7.40 -11.73
CA ASN B 87 -16.05 -8.04 -10.49
C ASN B 87 -14.94 -8.09 -9.45
N PHE B 88 -14.44 -6.92 -9.08
CA PHE B 88 -13.32 -6.83 -8.13
C PHE B 88 -12.23 -7.83 -8.48
N VAL B 89 -11.97 -8.00 -9.77
CA VAL B 89 -10.84 -8.80 -10.24
C VAL B 89 -10.01 -7.91 -11.17
N TYR B 90 -8.69 -8.00 -11.07
CA TYR B 90 -7.77 -7.17 -11.86
C TYR B 90 -7.84 -7.44 -13.37
N ASN B 91 -7.88 -8.71 -13.75
CA ASN B 91 -7.89 -9.13 -15.15
C ASN B 91 -9.30 -9.53 -15.59
N GLY B 98 -13.86 1.28 -16.19
CA GLY B 98 -15.06 0.52 -16.50
C GLY B 98 -15.16 -0.74 -15.65
N GLY B 99 -15.70 -0.57 -14.43
CA GLY B 99 -15.81 -1.67 -13.49
C GLY B 99 -17.18 -1.82 -12.86
N VAL B 100 -17.31 -1.34 -11.63
CA VAL B 100 -18.59 -1.34 -10.92
C VAL B 100 -18.82 -0.05 -10.13
N THR B 101 -20.08 0.34 -10.04
CA THR B 101 -20.50 1.46 -9.22
C THR B 101 -21.57 0.97 -8.25
N VAL B 102 -21.14 0.69 -7.03
CA VAL B 102 -22.06 0.31 -5.96
C VAL B 102 -22.52 1.59 -5.27
N GLN B 103 -23.68 2.10 -5.70
CA GLN B 103 -24.27 3.31 -5.13
C GLN B 103 -25.55 2.96 -4.38
N GLY B 104 -25.83 3.69 -3.30
CA GLY B 104 -27.03 3.42 -2.50
C GLY B 104 -27.01 3.89 -1.06
N ASN B 105 -27.93 3.36 -0.27
CA ASN B 105 -28.11 3.76 1.13
C ASN B 105 -27.06 3.17 2.07
N VAL B 106 -26.58 4.00 2.99
CA VAL B 106 -25.62 3.55 4.02
C VAL B 106 -26.36 3.17 5.32
N ASN B 107 -26.14 1.93 5.75
CA ASN B 107 -26.75 1.39 6.97
C ASN B 107 -25.74 0.63 7.83
N GLY B 108 -26.07 0.46 9.11
CA GLY B 108 -25.26 -0.34 10.04
C GLY B 108 -23.92 0.27 10.39
N ILE B 109 -23.88 1.59 10.57
CA ILE B 109 -22.66 2.32 10.85
C ILE B 109 -22.20 2.14 12.31
N SER B 110 -20.98 1.62 12.47
CA SER B 110 -20.29 1.62 13.76
C SER B 110 -18.91 2.27 13.62
N MET B 111 -18.50 2.98 14.67
CA MET B 111 -17.21 3.64 14.73
C MET B 111 -16.55 3.32 16.07
N ARG B 112 -15.40 2.67 16.00
CA ARG B 112 -14.65 2.26 17.19
C ARG B 112 -13.23 2.80 17.12
N GLN B 113 -12.59 2.93 18.27
CA GLN B 113 -11.25 3.48 18.36
C GLN B 113 -10.43 2.65 19.33
N ASP B 114 -9.21 2.28 18.93
CA ASP B 114 -8.32 1.56 19.85
C ASP B 114 -7.58 2.51 20.80
N LYS B 115 -6.61 1.99 21.55
CA LYS B 115 -5.88 2.81 22.51
C LYS B 115 -4.88 3.78 21.84
N ASP B 116 -4.54 3.51 20.59
CA ASP B 116 -3.58 4.30 19.83
C ASP B 116 -4.26 5.27 18.86
N GLY B 117 -5.58 5.38 18.99
CA GLY B 117 -6.34 6.27 18.13
C GLY B 117 -6.51 5.80 16.70
N ASN B 118 -6.30 4.51 16.44
CA ASN B 118 -6.68 3.90 15.16
C ASN B 118 -8.18 3.69 15.14
N VAL B 119 -8.84 4.08 14.06
CA VAL B 119 -10.30 4.07 13.99
C VAL B 119 -10.82 2.96 13.08
N TYR B 120 -11.81 2.23 13.57
CA TYR B 120 -12.40 1.13 12.85
C TYR B 120 -13.86 1.49 12.51
N TYR B 121 -14.06 1.84 11.25
CA TYR B 121 -15.36 2.34 10.75
C TYR B 121 -15.96 1.32 9.80
N ASN B 122 -17.09 0.73 10.21
CA ASN B 122 -17.75 -0.32 9.45
C ASN B 122 -19.16 0.11 9.02
N TYR B 123 -19.61 -0.34 7.85
CA TYR B 123 -20.96 -0.06 7.34
C TYR B 123 -21.35 -0.94 6.15
N GLY B 124 -22.65 -0.92 5.82
CA GLY B 124 -23.18 -1.61 4.65
C GLY B 124 -23.67 -0.62 3.61
N ILE B 125 -23.71 -1.08 2.36
CA ILE B 125 -24.23 -0.31 1.24
C ILE B 125 -25.31 -1.15 0.55
N ASN B 126 -26.51 -0.58 0.41
CA ASN B 126 -27.59 -1.26 -0.28
C ASN B 126 -27.79 -0.71 -1.69
N GLY B 127 -27.32 -1.48 -2.67
CA GLY B 127 -27.34 -1.05 -4.06
C GLY B 127 -28.46 -1.66 -4.88
N ILE B 128 -28.47 -1.32 -6.17
CA ILE B 128 -29.48 -1.85 -7.10
C ILE B 128 -29.11 -3.27 -7.55
N ALA B 129 -27.94 -3.41 -8.19
CA ALA B 129 -27.50 -4.72 -8.65
C ALA B 129 -26.82 -5.49 -7.53
N VAL B 130 -25.81 -4.88 -6.92
CA VAL B 130 -25.02 -5.55 -5.88
C VAL B 130 -24.96 -4.77 -4.56
N SER B 131 -24.84 -5.53 -3.47
CA SER B 131 -24.72 -4.97 -2.12
CA SER B 131 -24.72 -4.96 -2.12
C SER B 131 -23.33 -5.27 -1.55
N ALA B 132 -22.93 -4.51 -0.53
CA ALA B 132 -21.60 -4.69 0.07
C ALA B 132 -21.51 -4.28 1.54
N THR B 133 -20.62 -4.95 2.27
CA THR B 133 -20.17 -4.46 3.55
C THR B 133 -18.75 -3.91 3.40
N VAL B 134 -18.52 -2.78 4.06
CA VAL B 134 -17.31 -2.00 3.93
C VAL B 134 -16.64 -1.91 5.29
N SER B 135 -15.31 -2.08 5.31
CA SER B 135 -14.54 -1.98 6.54
CA SER B 135 -14.55 -1.96 6.54
C SER B 135 -13.35 -1.05 6.34
N ILE B 136 -13.35 0.07 7.06
CA ILE B 136 -12.30 1.07 6.98
C ILE B 136 -11.47 1.02 8.26
N VAL B 137 -10.14 0.98 8.10
CA VAL B 137 -9.24 1.15 9.22
C VAL B 137 -8.46 2.43 8.92
N LEU B 138 -8.58 3.42 9.81
CA LEU B 138 -7.82 4.67 9.72
C LEU B 138 -6.65 4.65 10.70
N THR B 139 -5.43 4.88 10.18
CA THR B 139 -4.23 4.90 11.01
C THR B 139 -4.20 6.17 11.88
N GLY B 140 -4.05 5.99 13.19
CA GLY B 140 -4.03 7.09 14.15
C GLY B 140 -2.91 8.10 13.94
N GLY B 141 -3.25 9.38 14.04
CA GLY B 141 -2.30 10.47 13.78
C GLY B 141 -2.02 10.73 12.31
N THR B 142 -2.79 10.10 11.42
CA THR B 142 -2.66 10.29 9.96
C THR B 142 -4.06 10.32 9.33
N ASN B 143 -4.14 10.63 8.03
CA ASN B 143 -5.36 10.35 7.25
C ASN B 143 -5.20 9.15 6.30
N GLN B 144 -4.23 8.31 6.60
CA GLN B 144 -3.95 7.13 5.80
C GLN B 144 -4.89 6.01 6.23
N ALA B 145 -5.61 5.45 5.26
CA ALA B 145 -6.64 4.49 5.61
C ALA B 145 -6.77 3.39 4.57
N SER B 146 -7.23 2.24 5.04
CA SER B 146 -7.45 1.05 4.24
C SER B 146 -8.94 0.68 4.25
N VAL B 147 -9.51 0.45 3.07
CA VAL B 147 -10.93 0.13 2.94
C VAL B 147 -11.08 -1.26 2.33
N THR B 148 -11.66 -2.20 3.07
CA THR B 148 -11.90 -3.54 2.54
C THR B 148 -13.38 -3.72 2.19
N ILE B 149 -13.65 -4.15 0.96
CA ILE B 149 -15.00 -4.31 0.43
C ILE B 149 -15.36 -5.78 0.22
N ASN B 150 -16.50 -6.17 0.79
CA ASN B 150 -17.06 -7.52 0.64
C ASN B 150 -18.42 -7.47 -0.12
N PRO B 151 -18.42 -7.77 -1.42
CA PRO B 151 -19.67 -7.72 -2.21
C PRO B 151 -20.52 -8.99 -2.14
N ASN B 152 -21.83 -8.81 -1.95
CA ASN B 152 -22.81 -9.90 -1.95
C ASN B 152 -22.44 -11.11 -1.08
N PHE B 153 -21.91 -10.81 0.12
CA PHE B 153 -21.52 -11.81 1.12
C PHE B 153 -20.52 -12.87 0.63
N SER B 154 -19.87 -12.62 -0.49
CA SER B 154 -19.02 -13.63 -1.14
C SER B 154 -17.67 -13.81 -0.46
N GLY B 155 -17.26 -12.80 0.31
CA GLY B 155 -15.95 -12.75 0.95
C GLY B 155 -15.28 -11.42 0.67
N ASN B 156 -14.27 -11.08 1.47
CA ASN B 156 -13.40 -9.92 1.19
C ASN B 156 -12.69 -10.12 -0.13
N THR B 157 -12.88 -9.17 -1.03
CA THR B 157 -12.44 -9.32 -2.41
C THR B 157 -11.51 -8.18 -2.83
N LEU B 158 -11.76 -6.98 -2.34
CA LEU B 158 -11.02 -5.80 -2.79
C LEU B 158 -10.68 -4.84 -1.65
N THR B 159 -9.41 -4.44 -1.57
CA THR B 159 -8.98 -3.46 -0.59
C THR B 159 -8.42 -2.23 -1.30
N MET B 160 -8.84 -1.04 -0.88
CA MET B 160 -8.30 0.24 -1.36
C MET B 160 -7.49 0.89 -0.27
N ASN B 161 -6.23 1.22 -0.57
CA ASN B 161 -5.36 1.92 0.37
C ASN B 161 -5.12 3.32 -0.12
N GLY B 162 -5.35 4.31 0.74
CA GLY B 162 -5.22 5.69 0.32
C GLY B 162 -5.44 6.69 1.44
N TYR B 163 -6.01 7.83 1.07
CA TYR B 163 -6.15 8.97 1.97
C TYR B 163 -7.62 9.28 2.23
N LEU B 164 -7.96 9.37 3.52
CA LEU B 164 -9.34 9.67 3.94
C LEU B 164 -9.52 11.17 4.18
N VAL B 165 -10.32 11.82 3.33
CA VAL B 165 -10.51 13.28 3.37
C VAL B 165 -11.98 13.64 3.57
N PRO B 166 -12.26 14.86 4.10
CA PRO B 166 -13.65 15.32 4.10
C PRO B 166 -14.17 15.48 2.69
N TYR B 167 -15.43 15.12 2.50
CA TYR B 167 -16.12 15.31 1.22
C TYR B 167 -16.15 16.80 0.89
N ASN B 168 -15.85 17.12 -0.34
CA ASN B 168 -15.63 18.46 -0.78
C ASN B 168 -16.31 18.64 -2.13
N GLU B 169 -17.37 19.44 -2.15
CA GLU B 169 -18.17 19.61 -3.37
C GLU B 169 -17.26 19.94 -4.52
N GLY B 170 -16.26 20.76 -4.22
CA GLY B 170 -15.23 21.09 -5.17
C GLY B 170 -14.64 19.83 -5.72
N HIS B 171 -13.58 19.34 -5.07
CA HIS B 171 -12.74 18.30 -5.65
C HIS B 171 -13.58 17.18 -6.26
N HIS B 172 -14.70 16.86 -5.59
CA HIS B 172 -15.35 15.58 -5.77
C HIS B 172 -16.60 15.70 -6.64
N HIS B 173 -17.26 14.58 -6.87
CA HIS B 173 -18.03 14.38 -8.10
C HIS B 173 -19.00 13.21 -7.98
#